data_6TFH
#
_entry.id   6TFH
#
_cell.length_a   56.935
_cell.length_b   58.360
_cell.length_c   193.968
_cell.angle_alpha   90.000
_cell.angle_beta   90.000
_cell.angle_gamma   90.000
#
_symmetry.space_group_name_H-M   'I 2 2 2'
#
loop_
_entity.id
_entity.type
_entity.pdbx_description
1 polymer 'Chains: A'
2 non-polymer 'MANGANESE (II) ION'
3 non-polymer NICOTINAMIDE-ADENINE-DINUCLEOTIDE
4 non-polymer 'SODIUM ION'
#
_entity_poly.entity_id   1
_entity_poly.type   'polyribonucleotide'
_entity_poly.pdbx_seq_one_letter_code
;GG(CBV)UUCAACAACCCCGUAGGUUGGGCCGAAAGGCAGCGAAUCUACUGGAGCC
;
_entity_poly.pdbx_strand_id   A
#